data_6QWA
#
_entry.id   6QWA
#
_cell.length_a   60.128
_cell.length_b   78.717
_cell.length_c   55.806
_cell.angle_alpha   90.00
_cell.angle_beta   90.00
_cell.angle_gamma   90.00
#
_symmetry.space_group_name_H-M   'P 21 21 2'
#
loop_
_entity.id
_entity.type
_entity.pdbx_description
1 polymer Beta-lactamase
2 non-polymer 'SULFATE ION'
3 non-polymer GLYCEROL
4 non-polymer ETHANOL
5 non-polymer (2S,5R)-1-formyl-N-(piperidin-4-yl)-5-[(sulfooxy)amino]piperidine-2-carboxamide
6 non-polymer '(2~{S})-5-azanylidene-2-(piperidin-4-ylcarbamoyl)piperidine-1-carboxylic acid'
7 water water
#
_entity_poly.entity_id   1
_entity_poly.type   'polypeptide(L)'
_entity_poly.pdbx_seq_one_letter_code
;MGSSHHHHHHSSGLVPRGSHMLTNLVAEPFAKLEQDFGGSIGVYAMDTGSGATVSYRAEERFPLCSSFKGFLAAAVLARS
QQQAGLLDTPIRYGKNALVPWSPISEKYLTTGMTVAELSAAAVQYSDNAAANLLLKELGGPAGLTAFMRSIGDTTFRLDR
WELELNSAIPGDARDTSSPRAVTESLQKLTLGSALAAPQRQQFVDWLKGNTTGNHRIRAAVPADWAVGDKTGTCGVYGTA
NDYAVVWPTGRAPIVLAVYTRAPNKDDKYSEAVIAAAARLALEGLGVNGQ
;
_entity_poly.pdbx_strand_id   A
#
loop_
_chem_comp.id
_chem_comp.type
_chem_comp.name
_chem_comp.formula
EOH non-polymer ETHANOL 'C2 H6 O'
GOL non-polymer GLYCEROL 'C3 H8 O3'
JJT non-polymer '(2~{S})-5-azanylidene-2-(piperidin-4-ylcarbamoyl)piperidine-1-carboxylic acid' 'C12 H20 N4 O3'
MK7 non-polymer (2S,5R)-1-formyl-N-(piperidin-4-yl)-5-[(sulfooxy)amino]piperidine-2-carboxamide 'C12 H22 N4 O6 S'
SO4 non-polymer 'SULFATE ION' 'O4 S -2'
#
# COMPACT_ATOMS: atom_id res chain seq x y z
N LEU A 22 3.39 12.81 -21.86
CA LEU A 22 2.88 13.51 -20.66
C LEU A 22 3.62 13.03 -19.41
N THR A 23 4.70 12.26 -19.56
CA THR A 23 5.50 11.82 -18.42
C THR A 23 6.61 12.84 -18.18
N ASN A 24 6.74 13.27 -16.91
CA ASN A 24 7.81 14.15 -16.48
C ASN A 24 7.90 15.40 -17.35
N LEU A 25 6.76 16.07 -17.55
CA LEU A 25 6.75 17.37 -18.20
C LEU A 25 7.68 18.36 -17.48
N VAL A 26 7.72 18.26 -16.15
CA VAL A 26 8.49 19.13 -15.25
C VAL A 26 9.42 18.25 -14.43
N ALA A 27 10.75 18.45 -14.57
CA ALA A 27 11.71 17.66 -13.84
C ALA A 27 11.68 18.07 -12.37
N GLU A 28 11.91 17.08 -11.49
CA GLU A 28 11.98 17.33 -10.06
C GLU A 28 13.23 16.66 -9.49
N PRO A 29 13.80 17.21 -8.40
CA PRO A 29 15.11 16.76 -7.90
C PRO A 29 15.04 15.50 -7.00
N PHE A 30 14.54 14.41 -7.57
CA PHE A 30 14.49 13.15 -6.85
C PHE A 30 15.89 12.59 -6.57
N ALA A 31 16.83 12.78 -7.51
CA ALA A 31 18.16 12.22 -7.33
C ALA A 31 18.83 12.80 -6.09
N LYS A 32 18.75 14.13 -5.92
CA LYS A 32 19.36 14.74 -4.74
C LYS A 32 18.68 14.20 -3.49
N LEU A 33 17.35 14.06 -3.55
CA LEU A 33 16.59 13.58 -2.38
C LEU A 33 17.08 12.19 -1.95
N GLU A 34 17.21 11.25 -2.91
CA GLU A 34 17.64 9.89 -2.56
C GLU A 34 19.11 9.86 -2.12
N GLN A 35 19.94 10.73 -2.70
CA GLN A 35 21.33 10.75 -2.31
C GLN A 35 21.48 11.21 -0.87
N ASP A 36 20.72 12.24 -0.50
CA ASP A 36 20.75 12.71 0.88
C ASP A 36 20.23 11.62 1.84
N PHE A 37 19.21 10.87 1.40
CA PHE A 37 18.69 9.77 2.17
C PHE A 37 19.68 8.61 2.30
N GLY A 38 20.56 8.46 1.30
CA GLY A 38 21.53 7.37 1.33
C GLY A 38 21.00 6.10 0.67
N GLY A 39 20.07 6.21 -0.27
CA GLY A 39 19.52 5.02 -0.89
C GLY A 39 18.83 5.37 -2.20
N SER A 40 17.75 4.66 -2.48
CA SER A 40 16.99 4.76 -3.71
C SER A 40 15.55 5.06 -3.39
N ILE A 41 14.96 5.97 -4.17
CA ILE A 41 13.54 6.30 -4.05
C ILE A 41 12.88 6.06 -5.39
N GLY A 42 11.74 5.37 -5.36
CA GLY A 42 10.95 5.12 -6.54
C GLY A 42 9.59 5.76 -6.42
N VAL A 43 9.18 6.48 -7.46
CA VAL A 43 7.97 7.29 -7.42
C VAL A 43 7.21 7.08 -8.72
N TYR A 44 5.89 6.88 -8.63
CA TYR A 44 5.05 6.99 -9.80
C TYR A 44 3.76 7.69 -9.36
N ALA A 45 3.39 8.75 -10.05
CA ALA A 45 2.20 9.52 -9.70
C ALA A 45 1.46 9.81 -10.98
N MET A 46 0.14 9.61 -10.94
N MET A 46 0.13 9.79 -10.87
CA MET A 46 -0.73 9.79 -12.09
CA MET A 46 -0.77 9.76 -12.00
C MET A 46 -1.82 10.80 -11.75
C MET A 46 -1.91 10.75 -11.78
N ASP A 47 -1.98 11.78 -12.63
CA ASP A 47 -3.13 12.67 -12.64
C ASP A 47 -4.20 11.99 -13.47
N THR A 48 -5.26 11.49 -12.82
CA THR A 48 -6.26 10.70 -13.54
C THR A 48 -7.14 11.53 -14.47
N GLY A 49 -7.05 12.87 -14.40
CA GLY A 49 -7.79 13.72 -15.30
C GLY A 49 -7.10 13.78 -16.65
N SER A 50 -5.83 14.19 -16.68
CA SER A 50 -5.12 14.43 -17.92
C SER A 50 -4.31 13.22 -18.38
N GLY A 51 -4.01 12.32 -17.44
CA GLY A 51 -3.11 11.21 -17.69
C GLY A 51 -1.63 11.57 -17.55
N ALA A 52 -1.33 12.82 -17.16
CA ALA A 52 0.04 13.22 -16.88
C ALA A 52 0.61 12.39 -15.74
N THR A 53 1.92 12.17 -15.80
N THR A 53 1.91 12.11 -15.81
CA THR A 53 2.59 11.35 -14.80
CA THR A 53 2.58 11.31 -14.80
C THR A 53 3.92 11.95 -14.38
C THR A 53 3.90 11.95 -14.38
N VAL A 54 4.32 11.59 -13.17
CA VAL A 54 5.65 11.81 -12.66
C VAL A 54 6.23 10.42 -12.38
N SER A 55 7.45 10.19 -12.80
N SER A 55 7.44 10.12 -12.93
CA SER A 55 8.01 8.85 -12.81
CA SER A 55 8.00 8.77 -12.77
C SER A 55 9.51 8.94 -12.52
C SER A 55 9.50 8.88 -12.54
N TYR A 56 9.96 8.22 -11.48
CA TYR A 56 11.37 8.20 -11.12
C TYR A 56 11.67 6.81 -10.54
N ARG A 57 12.56 6.05 -11.20
CA ARG A 57 12.81 4.66 -10.80
C ARG A 57 11.52 3.86 -10.74
N ALA A 58 10.55 4.18 -11.60
CA ALA A 58 9.18 3.70 -11.38
C ALA A 58 8.99 2.23 -11.73
N GLU A 59 9.90 1.66 -12.54
CA GLU A 59 9.80 0.27 -12.93
C GLU A 59 10.82 -0.60 -12.20
N GLU A 60 11.55 -0.05 -11.24
CA GLU A 60 12.38 -0.87 -10.37
C GLU A 60 11.52 -1.57 -9.32
N ARG A 61 12.01 -2.72 -8.87
CA ARG A 61 11.36 -3.43 -7.78
C ARG A 61 11.80 -2.90 -6.43
N PHE A 62 10.81 -2.82 -5.54
CA PHE A 62 11.01 -2.47 -4.14
C PHE A 62 10.20 -3.43 -3.29
N PRO A 63 10.68 -3.80 -2.08
CA PRO A 63 9.87 -4.64 -1.20
C PRO A 63 8.56 -3.95 -0.85
N LEU A 64 7.50 -4.78 -0.80
CA LEU A 64 6.18 -4.30 -0.40
C LEU A 64 6.11 -4.03 1.10
N CYS A 65 6.76 -4.86 1.91
CA CYS A 65 6.58 -4.75 3.35
C CYS A 65 5.09 -4.83 3.65
N SER A 66 4.59 -4.08 4.65
CA SER A 66 3.17 -4.13 5.00
C SER A 66 2.26 -3.63 3.89
N SER A 67 2.78 -2.95 2.86
CA SER A 67 1.91 -2.32 1.89
C SER A 67 1.09 -3.33 1.08
N PHE A 68 1.50 -4.63 1.09
CA PHE A 68 0.68 -5.60 0.40
C PHE A 68 -0.72 -5.72 1.01
N LYS A 69 -0.88 -5.28 2.28
CA LYS A 69 -2.14 -5.50 2.98
C LYS A 69 -3.30 -4.73 2.37
N GLY A 70 -3.03 -3.60 1.70
CA GLY A 70 -4.11 -2.92 0.99
C GLY A 70 -4.68 -3.80 -0.12
N PHE A 71 -3.76 -4.32 -0.96
CA PHE A 71 -4.17 -5.22 -2.04
C PHE A 71 -4.84 -6.50 -1.48
N LEU A 72 -4.35 -6.98 -0.34
CA LEU A 72 -4.98 -8.11 0.32
C LEU A 72 -6.45 -7.85 0.62
N ALA A 73 -6.74 -6.68 1.21
CA ALA A 73 -8.11 -6.32 1.54
C ALA A 73 -8.95 -6.21 0.28
N ALA A 74 -8.38 -5.65 -0.80
CA ALA A 74 -9.08 -5.56 -2.06
C ALA A 74 -9.43 -6.95 -2.59
N ALA A 75 -8.49 -7.90 -2.48
CA ALA A 75 -8.72 -9.26 -2.94
C ALA A 75 -9.84 -9.92 -2.14
N VAL A 76 -9.89 -9.66 -0.83
CA VAL A 76 -10.98 -10.18 0.01
C VAL A 76 -12.32 -9.58 -0.47
N LEU A 77 -12.34 -8.27 -0.73
CA LEU A 77 -13.54 -7.65 -1.22
C LEU A 77 -13.99 -8.25 -2.56
N ALA A 78 -13.05 -8.49 -3.46
CA ALA A 78 -13.39 -9.13 -4.73
C ALA A 78 -14.03 -10.50 -4.48
N ARG A 79 -13.43 -11.31 -3.61
CA ARG A 79 -14.01 -12.61 -3.28
C ARG A 79 -15.43 -12.45 -2.75
N SER A 80 -15.64 -11.41 -1.92
CA SER A 80 -16.93 -11.21 -1.28
C SER A 80 -18.04 -10.94 -2.28
N GLN A 81 -17.70 -10.52 -3.50
CA GLN A 81 -18.70 -10.34 -4.54
C GLN A 81 -19.36 -11.68 -4.89
N GLN A 82 -18.61 -12.78 -4.79
CA GLN A 82 -19.14 -14.10 -5.10
C GLN A 82 -19.60 -14.84 -3.84
N GLN A 83 -19.18 -14.36 -2.68
CA GLN A 83 -19.48 -14.99 -1.40
C GLN A 83 -20.09 -13.96 -0.45
N ALA A 84 -21.41 -13.81 -0.48
CA ALA A 84 -22.12 -12.74 0.25
C ALA A 84 -22.02 -12.85 1.77
N GLY A 85 -21.66 -14.03 2.28
CA GLY A 85 -21.52 -14.21 3.72
C GLY A 85 -20.06 -14.05 4.17
N LEU A 86 -19.14 -13.78 3.24
CA LEU A 86 -17.73 -13.80 3.62
C LEU A 86 -17.39 -12.74 4.68
N LEU A 87 -17.77 -11.49 4.42
CA LEU A 87 -17.28 -10.42 5.29
C LEU A 87 -17.79 -10.58 6.72
N ASP A 88 -19.00 -11.16 6.90
CA ASP A 88 -19.59 -11.36 8.21
C ASP A 88 -19.09 -12.61 8.93
N THR A 89 -18.23 -13.38 8.28
CA THR A 89 -17.82 -14.64 8.88
C THR A 89 -16.95 -14.37 10.09
N PRO A 90 -17.28 -14.92 11.28
CA PRO A 90 -16.40 -14.77 12.44
C PRO A 90 -15.22 -15.72 12.33
N ILE A 91 -14.03 -15.21 12.63
CA ILE A 91 -12.80 -15.98 12.62
C ILE A 91 -12.24 -16.01 14.03
N ARG A 92 -12.05 -17.23 14.57
N ARG A 92 -12.09 -17.23 14.57
CA ARG A 92 -11.40 -17.44 15.84
CA ARG A 92 -11.36 -17.42 15.80
C ARG A 92 -9.99 -17.95 15.59
C ARG A 92 -9.93 -17.80 15.47
N TYR A 93 -9.04 -17.47 16.39
CA TYR A 93 -7.64 -17.74 16.17
C TYR A 93 -7.00 -17.97 17.52
N GLY A 94 -5.86 -18.67 17.49
CA GLY A 94 -5.12 -18.98 18.68
C GLY A 94 -4.02 -17.95 18.94
N LYS A 95 -3.43 -18.10 20.12
CA LYS A 95 -2.37 -17.19 20.51
C LYS A 95 -1.19 -17.30 19.55
N ASN A 96 -0.99 -18.49 18.97
CA ASN A 96 0.07 -18.72 17.99
C ASN A 96 -0.07 -17.85 16.73
N ALA A 97 -1.29 -17.39 16.42
CA ALA A 97 -1.51 -16.54 15.25
C ALA A 97 -0.96 -15.12 15.48
N LEU A 98 -0.80 -14.72 16.74
CA LEU A 98 -0.44 -13.34 17.06
C LEU A 98 1.05 -13.06 16.93
N VAL A 99 1.41 -12.80 15.67
N VAL A 99 1.50 -12.88 15.71
CA VAL A 99 2.67 -12.33 15.14
CA VAL A 99 2.90 -12.55 15.49
C VAL A 99 3.01 -11.01 15.82
C VAL A 99 3.06 -11.07 15.85
N PRO A 100 4.31 -10.61 15.99
CA PRO A 100 4.60 -9.23 16.37
C PRO A 100 3.87 -8.23 15.51
N TRP A 101 3.40 -7.16 16.17
CA TRP A 101 2.63 -6.06 15.58
C TRP A 101 1.26 -6.52 15.10
N SER A 102 0.42 -6.87 16.07
CA SER A 102 -0.96 -7.26 15.87
C SER A 102 -1.84 -6.47 16.84
N PRO A 103 -1.83 -5.13 16.74
CA PRO A 103 -2.44 -4.28 17.78
C PRO A 103 -3.95 -4.44 17.95
N ILE A 104 -4.66 -4.76 16.88
CA ILE A 104 -6.11 -4.94 16.96
C ILE A 104 -6.43 -6.39 17.31
N SER A 105 -5.91 -7.33 16.53
N SER A 105 -5.89 -7.32 16.52
CA SER A 105 -6.28 -8.72 16.74
CA SER A 105 -6.11 -8.75 16.68
C SER A 105 -5.87 -9.23 18.12
C SER A 105 -5.93 -9.15 18.14
N GLU A 106 -4.84 -8.68 18.75
CA GLU A 106 -4.51 -9.12 20.10
C GLU A 106 -5.62 -8.77 21.11
N LYS A 107 -6.44 -7.75 20.80
N LYS A 107 -6.43 -7.74 20.83
CA LYS A 107 -7.48 -7.28 21.70
CA LYS A 107 -7.49 -7.33 21.75
C LYS A 107 -8.75 -8.14 21.58
C LYS A 107 -8.74 -8.18 21.63
N TYR A 108 -8.81 -9.02 20.57
CA TYR A 108 -9.96 -9.85 20.28
C TYR A 108 -9.54 -11.33 20.21
N LEU A 109 -8.39 -11.68 20.80
CA LEU A 109 -7.95 -13.08 20.81
C LEU A 109 -9.04 -13.97 21.41
N THR A 110 -9.62 -13.53 22.53
CA THR A 110 -10.54 -14.36 23.26
C THR A 110 -11.97 -14.32 22.71
N THR A 111 -12.20 -13.53 21.65
CA THR A 111 -13.54 -13.37 21.09
C THR A 111 -13.64 -13.75 19.61
N GLY A 112 -12.56 -13.60 18.85
CA GLY A 112 -12.62 -13.65 17.41
C GLY A 112 -12.97 -12.28 16.82
N MET A 113 -12.80 -12.18 15.49
N MET A 113 -12.80 -12.16 15.49
CA MET A 113 -13.10 -11.00 14.69
CA MET A 113 -13.17 -10.98 14.73
C MET A 113 -13.71 -11.44 13.38
C MET A 113 -13.73 -11.44 13.39
N THR A 114 -14.54 -10.59 12.74
CA THR A 114 -15.05 -10.96 11.43
C THR A 114 -13.99 -10.75 10.34
N VAL A 115 -14.22 -11.36 9.17
CA VAL A 115 -13.35 -11.12 8.03
C VAL A 115 -13.29 -9.63 7.69
N ALA A 116 -14.41 -8.92 7.71
CA ALA A 116 -14.36 -7.48 7.47
C ALA A 116 -13.52 -6.76 8.51
N GLU A 117 -13.66 -7.15 9.78
CA GLU A 117 -12.89 -6.50 10.83
C GLU A 117 -11.40 -6.79 10.66
N LEU A 118 -11.04 -8.02 10.30
CA LEU A 118 -9.63 -8.33 10.05
C LEU A 118 -9.08 -7.50 8.88
N SER A 119 -9.91 -7.33 7.85
CA SER A 119 -9.49 -6.55 6.69
C SER A 119 -9.24 -5.09 7.10
N ALA A 120 -10.19 -4.50 7.84
CA ALA A 120 -10.01 -3.14 8.31
C ALA A 120 -8.76 -3.03 9.19
N ALA A 121 -8.53 -4.01 10.05
CA ALA A 121 -7.34 -3.96 10.90
C ALA A 121 -6.04 -4.06 10.10
N ALA A 122 -6.02 -4.96 9.11
CA ALA A 122 -4.84 -5.12 8.25
C ALA A 122 -4.54 -3.80 7.53
N VAL A 123 -5.59 -3.12 7.02
CA VAL A 123 -5.37 -1.88 6.29
C VAL A 123 -5.02 -0.71 7.21
N GLN A 124 -5.82 -0.55 8.28
CA GLN A 124 -5.82 0.71 9.03
C GLN A 124 -4.83 0.74 10.19
N TYR A 125 -4.46 -0.46 10.68
CA TYR A 125 -3.49 -0.60 11.77
C TYR A 125 -2.32 -1.49 11.35
N SER A 126 -2.31 -1.92 10.09
N SER A 126 -2.32 -1.96 10.09
CA SER A 126 -1.22 -2.75 9.58
CA SER A 126 -1.22 -2.77 9.57
C SER A 126 -1.07 -4.02 10.43
C SER A 126 -1.08 -4.10 10.34
N ASP A 127 -2.19 -4.59 10.89
CA ASP A 127 -2.15 -5.74 11.80
C ASP A 127 -1.59 -6.99 11.10
N ASN A 128 -0.54 -7.56 11.70
CA ASN A 128 0.12 -8.69 11.04
C ASN A 128 -0.66 -9.99 11.17
N ALA A 129 -1.19 -10.30 12.36
CA ALA A 129 -1.99 -11.52 12.49
C ALA A 129 -3.18 -11.47 11.54
N ALA A 130 -3.85 -10.32 11.48
CA ALA A 130 -4.99 -10.19 10.60
C ALA A 130 -4.59 -10.51 9.16
N ALA A 131 -3.45 -9.96 8.74
CA ALA A 131 -2.99 -10.16 7.37
C ALA A 131 -2.75 -11.65 7.10
N ASN A 132 -2.10 -12.36 8.03
CA ASN A 132 -1.89 -13.77 7.81
C ASN A 132 -3.19 -14.57 7.74
N LEU A 133 -4.14 -14.22 8.61
CA LEU A 133 -5.43 -14.92 8.58
C LEU A 133 -6.13 -14.70 7.24
N LEU A 134 -6.08 -13.48 6.73
CA LEU A 134 -6.71 -13.20 5.46
C LEU A 134 -5.98 -13.87 4.29
N LEU A 135 -4.65 -13.88 4.35
CA LEU A 135 -3.90 -14.59 3.31
C LEU A 135 -4.36 -16.05 3.25
N LYS A 136 -4.57 -16.67 4.42
CA LYS A 136 -5.04 -18.05 4.43
C LYS A 136 -6.38 -18.18 3.70
N GLU A 137 -7.27 -17.20 3.89
CA GLU A 137 -8.57 -17.19 3.23
C GLU A 137 -8.40 -17.27 1.71
N LEU A 138 -7.37 -16.61 1.17
CA LEU A 138 -7.17 -16.44 -0.28
C LEU A 138 -6.33 -17.54 -0.89
N GLY A 139 -5.81 -18.47 -0.08
CA GLY A 139 -4.90 -19.48 -0.62
C GLY A 139 -3.45 -18.99 -0.61
N GLY A 140 -3.11 -18.09 0.30
CA GLY A 140 -1.72 -17.78 0.57
C GLY A 140 -1.18 -16.72 -0.39
N PRO A 141 0.14 -16.47 -0.30
CA PRO A 141 0.78 -15.51 -1.21
C PRO A 141 0.46 -15.71 -2.69
N ALA A 142 0.43 -16.97 -3.14
CA ALA A 142 0.12 -17.21 -4.55
C ALA A 142 -1.32 -16.79 -4.88
N GLY A 143 -2.26 -16.97 -3.92
CA GLY A 143 -3.63 -16.53 -4.16
C GLY A 143 -3.74 -15.02 -4.29
N LEU A 144 -3.02 -14.29 -3.44
CA LEU A 144 -3.03 -12.82 -3.61
C LEU A 144 -2.38 -12.44 -4.96
N THR A 145 -1.26 -13.08 -5.29
CA THR A 145 -0.59 -12.81 -6.55
C THR A 145 -1.55 -13.06 -7.73
N ALA A 146 -2.30 -14.17 -7.65
CA ALA A 146 -3.29 -14.48 -8.69
C ALA A 146 -4.35 -13.39 -8.80
N PHE A 147 -4.81 -12.83 -7.67
CA PHE A 147 -5.79 -11.75 -7.75
C PHE A 147 -5.18 -10.56 -8.51
N MET A 148 -3.93 -10.22 -8.18
CA MET A 148 -3.28 -9.11 -8.86
C MET A 148 -3.12 -9.39 -10.37
N ARG A 149 -2.78 -10.63 -10.73
CA ARG A 149 -2.73 -10.96 -12.16
C ARG A 149 -4.10 -10.75 -12.81
N SER A 150 -5.17 -11.09 -12.09
CA SER A 150 -6.53 -11.02 -12.64
C SER A 150 -6.96 -9.60 -12.98
N ILE A 151 -6.33 -8.59 -12.36
CA ILE A 151 -6.61 -7.20 -12.67
C ILE A 151 -5.59 -6.62 -13.67
N GLY A 152 -4.67 -7.46 -14.17
CA GLY A 152 -3.73 -7.01 -15.17
C GLY A 152 -2.37 -6.58 -14.64
N ASP A 153 -2.08 -6.85 -13.37
CA ASP A 153 -0.78 -6.50 -12.81
C ASP A 153 0.14 -7.70 -12.97
N THR A 154 1.16 -7.54 -13.82
CA THR A 154 2.11 -8.63 -14.09
C THR A 154 3.42 -8.44 -13.33
N THR A 155 3.49 -7.43 -12.47
CA THR A 155 4.71 -7.10 -11.74
C THR A 155 4.65 -7.61 -10.30
N PHE A 156 3.52 -7.36 -9.63
CA PHE A 156 3.37 -7.71 -8.24
C PHE A 156 3.72 -9.19 -8.00
N ARG A 157 4.44 -9.43 -6.90
CA ARG A 157 4.54 -10.82 -6.43
C ARG A 157 4.60 -10.81 -4.92
N LEU A 158 3.74 -11.64 -4.32
CA LEU A 158 3.86 -12.01 -2.92
C LEU A 158 4.30 -13.46 -2.90
N ASP A 159 5.28 -13.74 -2.06
CA ASP A 159 5.95 -15.03 -1.98
C ASP A 159 5.85 -15.65 -0.59
N ARG A 160 5.86 -14.83 0.45
CA ARG A 160 5.97 -15.26 1.83
C ARG A 160 4.88 -14.61 2.67
N TRP A 161 4.83 -15.06 3.93
CA TRP A 161 3.87 -14.61 4.92
C TRP A 161 4.52 -13.61 5.86
N GLU A 162 3.73 -13.02 6.77
CA GLU A 162 4.31 -12.24 7.84
C GLU A 162 4.91 -13.19 8.86
N LEU A 163 6.13 -12.93 9.35
CA LEU A 163 6.98 -11.76 9.14
C LEU A 163 8.06 -11.93 8.07
N GLU A 164 8.20 -13.13 7.51
CA GLU A 164 9.33 -13.41 6.64
C GLU A 164 9.39 -12.50 5.42
N LEU A 165 8.24 -12.00 4.94
CA LEU A 165 8.20 -11.18 3.75
C LEU A 165 8.89 -9.82 3.92
N ASN A 166 9.33 -9.46 5.14
CA ASN A 166 9.95 -8.16 5.38
C ASN A 166 11.47 -8.17 5.22
N SER A 167 12.09 -9.28 4.77
CA SER A 167 13.55 -9.35 4.77
C SER A 167 14.23 -8.32 3.89
N ALA A 168 13.60 -7.92 2.77
CA ALA A 168 14.06 -6.75 2.00
C ALA A 168 15.50 -6.90 1.51
N ILE A 169 15.89 -8.12 1.15
CA ILE A 169 17.28 -8.38 0.78
C ILE A 169 17.58 -7.72 -0.55
N PRO A 170 18.70 -7.00 -0.68
CA PRO A 170 19.01 -6.36 -1.97
C PRO A 170 19.07 -7.36 -3.11
N GLY A 171 18.34 -7.03 -4.18
CA GLY A 171 18.28 -7.83 -5.38
C GLY A 171 17.26 -8.95 -5.34
N ASP A 172 16.66 -9.22 -4.19
CA ASP A 172 15.70 -10.31 -4.06
C ASP A 172 14.35 -9.83 -4.56
N ALA A 173 13.79 -10.47 -5.60
CA ALA A 173 12.50 -10.08 -6.14
C ALA A 173 11.32 -10.57 -5.30
N ARG A 174 11.53 -11.49 -4.35
CA ARG A 174 10.38 -11.96 -3.60
C ARG A 174 9.69 -10.81 -2.87
N ASP A 175 8.35 -10.85 -2.86
CA ASP A 175 7.59 -9.89 -2.04
C ASP A 175 7.87 -8.44 -2.46
N THR A 176 7.90 -8.20 -3.78
CA THR A 176 8.14 -6.88 -4.33
C THR A 176 7.10 -6.52 -5.37
N SER A 177 7.04 -5.22 -5.64
CA SER A 177 6.41 -4.73 -6.86
C SER A 177 7.17 -3.49 -7.30
N SER A 178 6.63 -2.77 -8.28
CA SER A 178 7.23 -1.51 -8.70
C SER A 178 6.30 -0.37 -8.33
N PRO A 179 6.82 0.85 -8.15
CA PRO A 179 5.93 1.98 -7.89
C PRO A 179 4.88 2.13 -8.96
N ARG A 180 5.27 1.94 -10.22
CA ARG A 180 4.31 2.07 -11.31
C ARG A 180 3.18 1.05 -11.19
N ALA A 181 3.51 -0.23 -11.00
CA ALA A 181 2.47 -1.25 -10.95
C ALA A 181 1.58 -1.05 -9.72
N VAL A 182 2.18 -0.64 -8.59
CA VAL A 182 1.38 -0.32 -7.41
C VAL A 182 0.35 0.77 -7.73
N THR A 183 0.80 1.85 -8.36
CA THR A 183 -0.09 2.94 -8.70
C THR A 183 -1.17 2.50 -9.67
N GLU A 184 -0.77 1.76 -10.71
CA GLU A 184 -1.72 1.31 -11.72
C GLU A 184 -2.78 0.42 -11.09
N SER A 185 -2.35 -0.52 -10.23
CA SER A 185 -3.32 -1.41 -9.60
C SER A 185 -4.21 -0.65 -8.60
N LEU A 186 -3.61 0.27 -7.84
CA LEU A 186 -4.40 1.07 -6.91
C LEU A 186 -5.47 1.86 -7.65
N GLN A 187 -5.11 2.44 -8.81
N GLN A 187 -5.11 2.44 -8.80
CA GLN A 187 -6.09 3.17 -9.60
CA GLN A 187 -6.08 3.17 -9.60
C GLN A 187 -7.23 2.26 -10.04
C GLN A 187 -7.23 2.23 -9.99
N LYS A 188 -6.91 1.07 -10.53
CA LYS A 188 -7.95 0.15 -11.02
C LYS A 188 -8.93 -0.21 -9.91
N LEU A 189 -8.41 -0.41 -8.70
CA LEU A 189 -9.20 -0.89 -7.56
C LEU A 189 -10.01 0.22 -6.90
N THR A 190 -9.49 1.45 -6.84
CA THR A 190 -10.15 2.54 -6.12
C THR A 190 -10.97 3.44 -7.03
N LEU A 191 -10.63 3.53 -8.31
CA LEU A 191 -11.27 4.47 -9.20
C LEU A 191 -11.82 3.78 -10.44
N GLY A 192 -11.19 2.69 -10.86
CA GLY A 192 -11.59 1.94 -12.04
C GLY A 192 -12.64 0.89 -11.72
N SER A 193 -12.66 -0.16 -12.53
CA SER A 193 -13.75 -1.12 -12.51
C SER A 193 -13.29 -2.48 -11.98
N ALA A 194 -12.14 -2.58 -11.33
CA ALA A 194 -11.66 -3.89 -10.90
C ALA A 194 -12.51 -4.47 -9.77
N LEU A 195 -13.12 -3.60 -8.93
CA LEU A 195 -14.11 -4.00 -7.94
C LEU A 195 -15.48 -3.48 -8.36
N ALA A 196 -16.55 -4.20 -7.98
CA ALA A 196 -17.89 -3.66 -8.09
C ALA A 196 -18.03 -2.41 -7.22
N ALA A 197 -18.99 -1.54 -7.56
CA ALA A 197 -19.04 -0.22 -6.94
C ALA A 197 -19.10 -0.26 -5.41
N PRO A 198 -19.96 -1.08 -4.76
CA PRO A 198 -20.01 -1.06 -3.30
C PRO A 198 -18.68 -1.47 -2.68
N GLN A 199 -18.04 -2.48 -3.27
CA GLN A 199 -16.77 -2.97 -2.76
C GLN A 199 -15.66 -1.94 -3.00
N ARG A 200 -15.70 -1.25 -4.14
CA ARG A 200 -14.75 -0.19 -4.41
C ARG A 200 -14.83 0.88 -3.32
N GLN A 201 -16.05 1.28 -2.97
CA GLN A 201 -16.17 2.34 -1.96
C GLN A 201 -15.72 1.83 -0.59
N GLN A 202 -15.99 0.55 -0.28
CA GLN A 202 -15.48 -0.01 0.98
C GLN A 202 -13.95 0.01 1.01
N PHE A 203 -13.31 -0.33 -0.12
CA PHE A 203 -11.86 -0.31 -0.16
C PHE A 203 -11.35 1.11 0.08
N VAL A 204 -11.94 2.08 -0.63
CA VAL A 204 -11.60 3.48 -0.44
C VAL A 204 -11.78 3.89 1.03
N ASP A 205 -12.90 3.49 1.64
CA ASP A 205 -13.16 3.89 3.02
C ASP A 205 -12.13 3.32 3.98
N TRP A 206 -11.72 2.07 3.75
CA TRP A 206 -10.67 1.50 4.57
C TRP A 206 -9.37 2.28 4.43
N LEU A 207 -8.97 2.58 3.19
CA LEU A 207 -7.76 3.38 2.98
C LEU A 207 -7.85 4.75 3.63
N LYS A 208 -9.02 5.40 3.53
CA LYS A 208 -9.20 6.72 4.13
C LYS A 208 -9.04 6.68 5.65
N GLY A 209 -9.44 5.56 6.25
CA GLY A 209 -9.35 5.41 7.69
C GLY A 209 -7.99 4.92 8.18
N ASN A 210 -7.00 4.81 7.29
CA ASN A 210 -5.69 4.38 7.77
C ASN A 210 -5.18 5.32 8.87
N THR A 211 -4.55 4.72 9.89
CA THR A 211 -4.02 5.45 11.04
C THR A 211 -2.51 5.60 11.02
N THR A 212 -1.80 4.89 10.12
CA THR A 212 -0.35 4.76 10.21
C THR A 212 0.41 5.69 9.27
N GLY A 213 -0.28 6.49 8.46
CA GLY A 213 0.35 7.23 7.38
C GLY A 213 0.46 8.73 7.56
N ASN A 214 0.26 9.25 8.77
CA ASN A 214 0.15 10.70 8.93
C ASN A 214 1.43 11.44 8.56
N HIS A 215 2.59 10.77 8.61
CA HIS A 215 3.87 11.41 8.40
C HIS A 215 4.42 11.09 7.01
N ARG A 216 3.63 10.47 6.13
CA ARG A 216 4.13 10.06 4.82
C ARG A 216 3.37 10.87 3.75
N ILE A 217 2.72 10.23 2.77
CA ILE A 217 2.06 11.01 1.72
C ILE A 217 1.09 12.03 2.31
N ARG A 218 0.33 11.66 3.32
CA ARG A 218 -0.61 12.60 3.94
C ARG A 218 0.04 13.90 4.37
N ALA A 219 1.31 13.86 4.80
CA ALA A 219 1.98 15.08 5.26
C ALA A 219 2.18 16.07 4.11
N ALA A 220 2.12 15.61 2.86
CA ALA A 220 2.28 16.45 1.68
C ALA A 220 0.93 16.89 1.13
N VAL A 221 -0.18 16.40 1.68
CA VAL A 221 -1.51 16.62 1.11
C VAL A 221 -2.25 17.63 2.00
N PRO A 222 -2.78 18.74 1.45
CA PRO A 222 -3.55 19.69 2.25
C PRO A 222 -4.66 19.00 3.05
N ALA A 223 -4.90 19.51 4.27
CA ALA A 223 -5.88 18.94 5.18
C ALA A 223 -7.29 18.94 4.59
N ASP A 224 -7.61 19.86 3.67
CA ASP A 224 -8.97 19.91 3.14
C ASP A 224 -9.17 19.04 1.88
N TRP A 225 -8.20 18.18 1.55
CA TRP A 225 -8.37 17.18 0.50
C TRP A 225 -8.59 15.81 1.13
N ALA A 226 -9.39 14.96 0.49
CA ALA A 226 -9.56 13.58 0.97
C ALA A 226 -8.38 12.74 0.49
N VAL A 227 -8.04 11.73 1.29
CA VAL A 227 -6.90 10.87 0.98
C VAL A 227 -7.08 9.54 1.68
N GLY A 228 -6.70 8.48 0.96
CA GLY A 228 -6.56 7.17 1.57
C GLY A 228 -5.20 6.60 1.23
N ASP A 229 -4.61 5.81 2.14
CA ASP A 229 -3.27 5.33 1.89
C ASP A 229 -3.03 4.00 2.60
N LYS A 230 -1.93 3.34 2.22
CA LYS A 230 -1.39 2.21 2.97
C LYS A 230 0.12 2.30 2.97
N THR A 231 0.71 2.18 4.16
CA THR A 231 2.14 2.25 4.40
C THR A 231 2.78 0.86 4.48
N GLY A 232 4.12 0.88 4.44
CA GLY A 232 4.90 -0.31 4.74
C GLY A 232 6.26 0.09 5.29
N THR A 233 6.80 -0.72 6.20
CA THR A 233 8.07 -0.44 6.82
C THR A 233 8.76 -1.77 7.14
N CYS A 234 9.70 -2.22 6.32
CA CYS A 234 10.27 -3.55 6.51
C CYS A 234 11.14 -3.68 7.75
N GLY A 235 11.75 -2.57 8.18
CA GLY A 235 12.60 -2.56 9.37
C GLY A 235 14.09 -2.75 9.11
N VAL A 236 14.47 -2.92 7.84
CA VAL A 236 15.85 -3.13 7.44
C VAL A 236 16.04 -2.48 6.07
N TYR A 237 17.31 -2.29 5.71
CA TYR A 237 17.68 -1.87 4.36
C TYR A 237 16.98 -0.57 3.96
N GLY A 238 16.77 0.34 4.92
CA GLY A 238 16.14 1.63 4.64
C GLY A 238 14.84 1.49 3.86
N THR A 239 14.09 0.38 4.06
CA THR A 239 13.02 0.03 3.13
C THR A 239 11.66 0.34 3.73
N ALA A 240 10.96 1.32 3.13
CA ALA A 240 9.66 1.74 3.62
C ALA A 240 8.93 2.41 2.47
N ASN A 241 7.61 2.60 2.61
CA ASN A 241 6.83 3.00 1.46
C ASN A 241 5.46 3.52 1.90
N ASP A 242 4.74 4.03 0.92
CA ASP A 242 3.35 4.46 1.07
C ASP A 242 2.77 4.57 -0.32
N TYR A 243 1.49 4.24 -0.46
CA TYR A 243 0.76 4.57 -1.68
C TYR A 243 -0.57 5.18 -1.28
N ALA A 244 -1.10 6.00 -2.17
CA ALA A 244 -2.29 6.78 -1.82
C ALA A 244 -3.12 7.12 -3.03
N VAL A 245 -4.42 7.29 -2.77
N VAL A 245 -4.41 7.35 -2.76
CA VAL A 245 -5.32 8.03 -3.66
CA VAL A 245 -5.32 7.98 -3.68
C VAL A 245 -5.64 9.32 -2.95
C VAL A 245 -5.79 9.27 -3.02
N VAL A 246 -5.60 10.40 -3.73
CA VAL A 246 -5.77 11.76 -3.22
C VAL A 246 -6.85 12.42 -4.08
N TRP A 247 -7.83 13.07 -3.42
CA TRP A 247 -8.89 13.80 -4.11
C TRP A 247 -8.72 15.28 -3.84
N PRO A 248 -7.94 16.02 -4.65
CA PRO A 248 -7.88 17.48 -4.48
C PRO A 248 -9.28 18.02 -4.77
N THR A 249 -9.65 19.13 -4.19
CA THR A 249 -10.97 19.66 -4.52
C THR A 249 -10.91 20.30 -5.91
N GLY A 250 -11.98 20.15 -6.65
CA GLY A 250 -12.12 20.85 -7.91
C GLY A 250 -11.39 20.22 -9.10
N ARG A 251 -10.73 19.06 -8.94
CA ARG A 251 -10.07 18.43 -10.07
C ARG A 251 -10.06 16.93 -9.83
N ALA A 252 -9.59 16.19 -10.83
CA ALA A 252 -9.62 14.75 -10.79
C ALA A 252 -8.64 14.20 -9.75
N PRO A 253 -8.90 12.98 -9.26
CA PRO A 253 -8.00 12.41 -8.27
C PRO A 253 -6.61 12.11 -8.83
N ILE A 254 -5.66 12.04 -7.90
CA ILE A 254 -4.26 11.68 -8.15
C ILE A 254 -4.00 10.35 -7.43
N VAL A 255 -3.30 9.44 -8.12
N VAL A 255 -3.25 9.45 -8.08
CA VAL A 255 -2.86 8.19 -7.52
CA VAL A 255 -2.89 8.18 -7.47
C VAL A 255 -1.35 8.22 -7.47
C VAL A 255 -1.36 8.06 -7.51
N LEU A 256 -0.72 7.78 -6.37
CA LEU A 256 0.74 7.80 -6.35
C LEU A 256 1.27 6.76 -5.37
N ALA A 257 2.53 6.40 -5.63
CA ALA A 257 3.27 5.43 -4.85
C ALA A 257 4.68 5.97 -4.66
N VAL A 258 5.18 5.83 -3.43
CA VAL A 258 6.54 6.21 -3.07
C VAL A 258 7.17 5.07 -2.28
N TYR A 259 8.24 4.47 -2.82
CA TYR A 259 8.94 3.35 -2.21
C TYR A 259 10.40 3.73 -2.02
N THR A 260 11.00 3.23 -0.93
CA THR A 260 12.40 3.45 -0.69
C THR A 260 13.11 2.15 -0.36
N ARG A 261 14.41 2.14 -0.58
N ARG A 261 14.41 2.16 -0.58
CA ARG A 261 15.30 1.12 -0.03
CA ARG A 261 15.31 1.13 -0.07
C ARG A 261 16.71 1.72 -0.02
C ARG A 261 16.70 1.76 0.05
N ALA A 262 17.65 1.00 0.60
CA ALA A 262 18.98 1.51 0.85
C ALA A 262 19.91 0.30 0.92
N PRO A 263 21.23 0.48 0.71
CA PRO A 263 22.09 -0.68 0.50
C PRO A 263 22.42 -1.52 1.72
N ASN A 264 22.44 -0.93 2.91
CA ASN A 264 22.94 -1.61 4.09
C ASN A 264 21.81 -2.07 4.99
N LYS A 265 21.99 -3.24 5.62
CA LYS A 265 20.90 -3.81 6.40
C LYS A 265 20.43 -2.88 7.52
N ASP A 266 21.35 -2.19 8.17
CA ASP A 266 20.92 -1.33 9.26
C ASP A 266 20.68 0.11 8.82
N ASP A 267 20.60 0.39 7.53
CA ASP A 267 20.16 1.72 7.11
C ASP A 267 18.72 1.95 7.55
N LYS A 268 18.45 3.14 8.07
CA LYS A 268 17.14 3.43 8.61
C LYS A 268 16.23 4.06 7.56
N TYR A 269 14.97 3.70 7.59
CA TYR A 269 13.98 4.35 6.76
C TYR A 269 13.77 5.79 7.24
N SER A 270 13.10 6.57 6.39
CA SER A 270 12.73 7.94 6.72
C SER A 270 11.31 8.23 6.26
N GLU A 271 10.43 8.60 7.21
CA GLU A 271 9.11 9.05 6.81
C GLU A 271 9.21 10.39 6.10
N ALA A 272 10.08 11.28 6.60
CA ALA A 272 10.20 12.61 6.00
C ALA A 272 10.59 12.54 4.52
N VAL A 273 11.44 11.56 4.12
N VAL A 273 11.44 11.57 4.18
CA VAL A 273 11.82 11.49 2.71
CA VAL A 273 11.85 11.45 2.78
C VAL A 273 10.63 11.05 1.86
C VAL A 273 10.66 11.04 1.90
N ILE A 274 9.79 10.16 2.42
CA ILE A 274 8.59 9.78 1.68
C ILE A 274 7.67 10.99 1.48
N ALA A 275 7.44 11.76 2.56
CA ALA A 275 6.63 12.96 2.43
C ALA A 275 7.23 13.94 1.41
N ALA A 276 8.56 14.10 1.46
CA ALA A 276 9.22 15.03 0.55
C ALA A 276 9.09 14.58 -0.91
N ALA A 277 9.21 13.27 -1.14
CA ALA A 277 9.07 12.74 -2.50
C ALA A 277 7.63 12.95 -2.98
N ALA A 278 6.65 12.73 -2.10
CA ALA A 278 5.25 12.98 -2.46
C ALA A 278 5.04 14.46 -2.82
N ARG A 279 5.65 15.38 -2.07
CA ARG A 279 5.51 16.79 -2.39
C ARG A 279 6.09 17.06 -3.79
N LEU A 280 7.27 16.50 -4.11
CA LEU A 280 7.85 16.69 -5.44
C LEU A 280 6.94 16.14 -6.52
N ALA A 281 6.32 14.97 -6.27
CA ALA A 281 5.42 14.39 -7.25
C ALA A 281 4.24 15.32 -7.53
N LEU A 282 3.62 15.84 -6.47
CA LEU A 282 2.50 16.75 -6.68
C LEU A 282 2.96 18.01 -7.42
N GLU A 283 4.13 18.55 -7.08
CA GLU A 283 4.66 19.70 -7.79
C GLU A 283 4.88 19.35 -9.27
N GLY A 284 5.41 18.16 -9.54
CA GLY A 284 5.67 17.77 -10.91
C GLY A 284 4.40 17.66 -11.73
N LEU A 285 3.27 17.36 -11.07
CA LEU A 285 1.98 17.28 -11.75
C LEU A 285 1.29 18.65 -11.85
N GLY A 286 1.88 19.69 -11.25
CA GLY A 286 1.29 21.02 -11.30
C GLY A 286 0.03 21.09 -10.44
N VAL A 287 -0.05 20.23 -9.44
CA VAL A 287 -1.16 20.29 -8.50
C VAL A 287 -0.77 21.26 -7.39
N ASN A 288 -1.50 22.38 -7.30
CA ASN A 288 -1.21 23.35 -6.25
C ASN A 288 -1.59 22.75 -4.90
N GLY A 289 -0.61 22.62 -3.99
CA GLY A 289 -0.84 22.00 -2.68
C GLY A 289 -0.26 22.80 -1.53
S SO4 B . 11.70 10.25 10.17
O1 SO4 B . 13.10 10.44 10.37
O2 SO4 B . 11.16 11.16 9.20
O3 SO4 B . 11.44 8.83 9.84
O4 SO4 B . 11.03 10.45 11.49
S SO4 C . 3.47 0.14 8.76
O1 SO4 C . 4.45 0.91 8.04
O2 SO4 C . 2.36 0.95 9.20
O3 SO4 C . 4.11 -0.44 9.92
O4 SO4 C . 2.99 -0.91 7.92
C1 GOL D . -14.64 8.40 -3.68
O1 GOL D . -14.55 6.96 -3.64
C2 GOL D . -14.10 8.98 -2.38
O2 GOL D . -14.92 8.56 -1.25
C3 GOL D . -13.98 10.49 -2.53
O3 GOL D . -13.40 11.07 -1.35
H11 GOL D . -15.54 8.71 -3.82
H12 GOL D . -14.13 8.76 -4.42
HO1 GOL D . -15.28 6.69 -3.32
H2 GOL D . -13.22 8.61 -2.19
HO2 GOL D . -15.24 9.26 -0.89
H31 GOL D . -14.86 10.85 -2.76
H32 GOL D . -13.44 10.68 -3.32
HO3 GOL D . -13.54 11.90 -1.39
C1 EOH E . 13.21 5.83 11.21
C2 EOH E . 13.23 5.08 12.51
O EOH E . 12.26 6.90 11.56
H11 EOH E . 14.19 6.24 10.97
H12 EOH E . 12.86 5.22 10.39
H21 EOH E . 12.37 4.42 12.57
H22 EOH E . 13.21 5.79 13.34
H23 EOH E . 14.16 4.51 12.58
HO EOH E . 12.35 7.64 10.93
C4 MK7 F . 5.02 -2.51 11.86
C5 MK7 F . 7.76 -5.66 13.77
C6 MK7 F . 9.91 -5.45 12.85
C7 MK7 F . 3.55 -3.67 10.15
C8 MK7 F . 4.47 -3.38 7.92
C10 MK7 F . 6.03 -3.56 9.72
C1 MK7 F . 6.15 -2.50 10.83
C2 MK7 F . 7.35 -6.67 12.69
C3 MK7 F . 9.61 -6.33 11.64
C9 MK7 F . 8.11 -6.37 11.39
C11 MK7 F . 6.41 -4.97 10.22
C12 MK7 F . 3.62 -2.55 11.23
N13 MK7 F . 9.16 -5.78 14.03
N14 MK7 F . 7.68 -5.07 10.88
N15 MK7 F . 3.17 -1.23 10.75
N16 MK7 F . 4.67 -3.55 9.19
O17 MK7 F . 4.85 0.33 9.03
O18 MK7 F . 5.35 -3.04 7.13
O19 MK7 F . 5.73 -5.94 10.03
O20 MK7 F . 2.73 1.23 9.47
O21 MK7 F . 3.12 0.18 7.33
O22 MK7 F . 3.03 -1.33 9.36
S23 MK7 F . 3.43 0.15 8.75
H1 MK7 F . 5.13 -3.39 12.50
H2 MK7 F . 5.10 -1.61 12.48
H3 MK7 F . 7.20 -5.88 14.69
H4 MK7 F . 7.53 -4.65 13.44
H5 MK7 F . 9.71 -4.41 12.60
H6 MK7 F . 10.98 -5.55 13.09
H7 MK7 F . 2.60 -3.61 9.62
H8 MK7 F . 3.63 -4.64 10.65
H10 MK7 F . 6.71 -3.29 8.92
H11 MK7 F . 6.17 -1.52 10.36
H12 MK7 F . 7.09 -2.65 11.36
H13 MK7 F . 7.61 -7.67 13.02
H14 MK7 F . 6.29 -6.59 12.51
H15 MK7 F . 10.12 -5.92 10.77
H16 MK7 F . 9.97 -7.34 11.84
H17 MK7 F . 7.89 -7.14 10.65
H18 MK7 F . 2.94 -2.84 12.02
H19 MK7 F . 9.38 -6.75 14.32
H21 MK7 F . 8.26 -4.24 11.03
H22 MK7 F . 2.25 -0.99 11.19
C10 JJT G . 6.12 -2.52 10.81
C15 JJT G . 9.74 -5.35 13.06
C17 JJT G . 7.58 -5.67 13.99
C18 JJT G . 7.22 -6.61 12.84
C14 JJT G . 9.46 -6.22 11.85
C02 JJT G . 6.39 -4.96 10.26
C03 JJT G . 6.03 -3.60 9.71
C05 JJT G . 4.49 -3.43 7.90
C07 JJT G . 3.59 -3.96 10.08
C08 JJT G . 3.67 -3.03 11.31
C09 JJT G . 5.03 -2.58 11.86
C13 JJT G . 7.98 -6.28 11.56
N04 JJT G . 4.68 -3.67 9.15
N11 JJT G . 2.61 -2.71 11.91
N12 JJT G . 7.58 -5.00 11.01
N16 JJT G . 8.99 -5.73 14.22
O01 JJT G . 5.71 -5.95 10.08
O06 JJT G . 5.37 -3.03 7.14
H101 JJT G . 6.09 -1.54 10.33
H102 JJT G . 7.08 -2.64 11.31
H152 JJT G . 9.48 -4.32 12.81
H151 JJT G . 10.79 -5.41 13.30
H171 JJT G . 7.30 -4.65 13.72
H172 JJT G . 7.04 -5.97 14.89
H182 JJT G . 7.46 -7.64 13.14
H181 JJT G . 6.15 -6.54 12.64
H141 JJT G . 9.83 -7.23 12.03
H142 JJT G . 9.99 -5.80 10.98
H031 JJT G . 6.72 -3.34 8.91
H072 JJT G . 3.65 -5.00 10.41
H071 JJT G . 2.64 -3.80 9.57
H092 JJT G . 4.92 -1.59 12.30
H091 JJT G . 5.33 -3.28 12.63
H131 JJT G . 7.80 -7.06 10.81
H3 JJT G . 1.95 -2.04 11.46
H121 JJT G . 8.14 -4.16 11.16
H161 JJT G . 9.24 -5.11 15.02
#